data_5J7K
#
_entry.id   5J7K
#
_cell.length_a   50.220
_cell.length_b   71.230
_cell.length_c   126.141
_cell.angle_alpha   90.00
_cell.angle_beta   90.43
_cell.angle_gamma   90.00
#
_symmetry.space_group_name_H-M   'P 1 21 1'
#
loop_
_entity.id
_entity.type
_entity.pdbx_description
1 polymer FN3con-a-lys
2 non-polymer 'ZINC ION'
3 water water
#
_entity_poly.entity_id   1
_entity_poly.type   'polypeptide(L)'
_entity_poly.pdbx_seq_one_letter_code
;MPSPPGNLRVTDVTSTSVTLSWRGYPWATGYRVEYREAGGEWKEVTVPGDLSHRYTVTGLKPGTEYEFRVRAVNRVGRTF
DTPGPSSVSVTTGHHHHHH
;
_entity_poly.pdbx_strand_id   A,B,C,D,E,F,G,H
#
loop_
_chem_comp.id
_chem_comp.type
_chem_comp.name
_chem_comp.formula
ZN non-polymer 'ZINC ION' 'Zn 2'
#
# COMPACT_ATOMS: atom_id res chain seq x y z
N GLY A 6 -12.27 -0.31 3.88
CA GLY A 6 -12.78 0.84 4.61
C GLY A 6 -13.60 0.45 5.83
N ASN A 7 -12.91 0.10 6.90
CA ASN A 7 -13.59 -0.33 8.11
C ASN A 7 -14.14 0.87 8.86
N LEU A 8 -15.22 0.63 9.61
CA LEU A 8 -15.88 1.66 10.38
C LEU A 8 -15.89 1.16 11.81
N ARG A 9 -15.41 1.98 12.73
CA ARG A 9 -15.14 1.55 14.09
C ARG A 9 -15.92 2.41 15.08
N VAL A 10 -16.39 1.77 16.13
CA VAL A 10 -17.13 2.45 17.18
C VAL A 10 -16.19 2.53 18.37
N THR A 11 -15.66 3.71 18.65
CA THR A 11 -14.68 3.80 19.73
C THR A 11 -15.36 3.85 21.09
N ASP A 12 -16.37 4.71 21.24
CA ASP A 12 -17.06 4.87 22.51
C ASP A 12 -18.56 5.00 22.28
N VAL A 13 -19.34 4.38 23.16
CA VAL A 13 -20.80 4.44 23.12
C VAL A 13 -21.28 4.81 24.52
N THR A 14 -22.12 5.82 24.60
CA THR A 14 -22.72 6.24 25.87
C THR A 14 -24.25 6.12 25.75
N SER A 15 -24.94 6.52 26.80
CA SER A 15 -26.40 6.54 26.78
C SER A 15 -26.95 7.53 25.76
N THR A 16 -26.24 8.63 25.50
CA THR A 16 -26.72 9.69 24.63
C THR A 16 -25.83 9.97 23.44
N SER A 17 -24.72 9.25 23.27
CA SER A 17 -23.78 9.60 22.21
C SER A 17 -23.13 8.33 21.68
N VAL A 18 -22.49 8.48 20.51
CA VAL A 18 -21.75 7.39 19.87
C VAL A 18 -20.52 8.00 19.21
N THR A 19 -19.38 7.35 19.36
CA THR A 19 -18.15 7.76 18.71
C THR A 19 -17.85 6.78 17.58
N LEU A 20 -17.52 7.33 16.41
CA LEU A 20 -17.26 6.55 15.23
C LEU A 20 -15.92 6.94 14.64
N SER A 21 -15.21 5.96 14.09
CA SER A 21 -13.99 6.21 13.36
C SER A 21 -14.00 5.35 12.11
N TRP A 22 -13.50 5.90 11.00
CA TRP A 22 -13.51 5.21 9.73
C TRP A 22 -12.18 5.42 9.01
N ARG A 23 -11.92 4.56 8.03
CA ARG A 23 -10.70 4.71 7.24
C ARG A 23 -10.72 6.01 6.47
N GLY A 24 -11.76 6.21 5.65
CA GLY A 24 -11.88 7.41 4.85
C GLY A 24 -10.97 7.37 3.64
N TYR A 25 -11.54 7.14 2.46
CA TYR A 25 -10.72 7.01 1.28
C TYR A 25 -10.10 8.35 0.94
N PRO A 26 -8.84 8.37 0.47
CA PRO A 26 -8.13 9.59 0.08
C PRO A 26 -8.28 9.92 -1.41
N TRP A 27 -8.50 11.18 -1.72
CA TRP A 27 -8.70 12.19 -0.68
C TRP A 27 -10.13 12.72 -0.75
N ALA A 28 -10.87 12.58 0.35
CA ALA A 28 -12.24 13.03 0.42
C ALA A 28 -12.29 14.50 0.84
N THR A 29 -13.02 15.31 0.07
CA THR A 29 -13.41 16.65 0.48
C THR A 29 -14.12 16.68 1.83
N GLY A 30 -14.50 15.52 2.34
CA GLY A 30 -15.21 15.46 3.60
C GLY A 30 -16.01 14.18 3.69
N TYR A 31 -16.77 14.08 4.78
CA TYR A 31 -17.53 12.87 5.07
C TYR A 31 -18.94 13.21 5.49
N ARG A 32 -19.88 12.35 5.12
CA ARG A 32 -21.27 12.49 5.53
C ARG A 32 -21.67 11.28 6.36
N VAL A 33 -22.09 11.52 7.58
CA VAL A 33 -22.55 10.47 8.48
C VAL A 33 -24.08 10.46 8.44
N GLU A 34 -24.65 9.30 8.13
CA GLU A 34 -26.08 9.10 8.08
C GLU A 34 -26.49 8.17 9.21
N TYR A 35 -27.57 8.51 9.92
CA TYR A 35 -28.03 7.62 10.98
C TYR A 35 -29.54 7.65 11.08
N ARG A 36 -30.10 6.54 11.56
CA ARG A 36 -31.52 6.41 11.81
C ARG A 36 -31.74 5.43 12.95
N GLU A 37 -32.78 5.68 13.73
CA GLU A 37 -33.20 4.68 14.70
C GLU A 37 -33.86 3.52 13.98
N ALA A 38 -34.13 2.45 14.74
CA ALA A 38 -34.72 1.25 14.15
C ALA A 38 -36.02 1.57 13.43
N GLY A 39 -36.85 2.42 14.02
CA GLY A 39 -38.09 2.83 13.39
C GLY A 39 -38.02 4.20 12.74
N GLY A 40 -37.04 5.01 13.15
CA GLY A 40 -37.01 6.41 12.79
C GLY A 40 -36.50 6.68 11.39
N GLU A 41 -36.25 7.97 11.14
CA GLU A 41 -35.86 8.47 9.82
C GLU A 41 -34.34 8.65 9.73
N TRP A 42 -33.83 8.59 8.50
CA TRP A 42 -32.43 8.91 8.26
C TRP A 42 -32.17 10.38 8.53
N LYS A 43 -31.07 10.67 9.21
CA LYS A 43 -30.58 12.03 9.38
C LYS A 43 -29.14 12.11 8.90
N GLU A 44 -28.75 13.27 8.37
CA GLU A 44 -27.45 13.41 7.72
C GLU A 44 -26.64 14.53 8.37
N VAL A 45 -25.37 14.25 8.60
CA VAL A 45 -24.41 15.22 9.14
C VAL A 45 -23.15 15.16 8.28
N THR A 46 -22.65 16.33 7.88
CA THR A 46 -21.49 16.42 7.01
C THR A 46 -20.28 16.83 7.84
N VAL A 47 -19.21 16.08 7.73
CA VAL A 47 -17.96 16.34 8.44
C VAL A 47 -16.91 16.73 7.42
N PRO A 48 -16.36 17.94 7.48
CA PRO A 48 -15.36 18.34 6.49
C PRO A 48 -14.04 17.64 6.75
N GLY A 49 -13.67 16.71 5.87
CA GLY A 49 -12.44 15.94 6.02
C GLY A 49 -11.21 16.72 5.65
N ASP A 50 -10.06 16.04 5.53
CA ASP A 50 -9.96 14.60 5.76
C ASP A 50 -9.09 14.40 6.99
N LEU A 51 -8.82 15.51 7.67
CA LEU A 51 -8.15 15.51 8.97
C LEU A 51 -8.72 14.43 9.88
N SER A 52 -10.04 14.38 9.97
CA SER A 52 -10.75 13.66 11.03
C SER A 52 -11.38 12.40 10.45
N HIS A 53 -10.72 11.26 10.69
CA HIS A 53 -11.30 9.97 10.40
C HIS A 53 -12.32 9.61 11.48
N ARG A 54 -12.79 10.60 12.24
CA ARG A 54 -13.44 10.30 13.52
C ARG A 54 -14.53 11.32 13.79
N TYR A 55 -15.61 10.88 14.45
CA TYR A 55 -16.69 11.78 14.80
C TYR A 55 -17.50 11.22 15.97
N THR A 56 -18.03 12.12 16.79
CA THR A 56 -18.86 11.80 17.95
C THR A 56 -20.28 12.31 17.69
N VAL A 57 -21.25 11.39 17.69
CA VAL A 57 -22.66 11.73 17.49
C VAL A 57 -23.31 11.88 18.86
N THR A 58 -23.84 13.05 19.18
CA THR A 58 -24.47 13.30 20.47
C THR A 58 -25.98 13.47 20.31
N GLY A 59 -26.65 13.58 21.45
CA GLY A 59 -28.08 13.82 21.46
C GLY A 59 -28.94 12.61 21.20
N LEU A 60 -28.45 11.42 21.51
CA LEU A 60 -29.22 10.21 21.24
C LEU A 60 -30.08 9.82 22.44
N LYS A 61 -31.10 9.10 22.18
CA LYS A 61 -31.95 8.65 23.26
C LYS A 61 -31.38 7.38 23.89
N PRO A 62 -31.36 7.30 25.22
CA PRO A 62 -30.88 6.09 25.89
C PRO A 62 -31.67 4.86 25.46
N GLY A 63 -30.97 3.74 25.38
CA GLY A 63 -31.61 2.46 25.13
C GLY A 63 -32.23 2.34 23.75
N THR A 64 -31.61 2.94 22.74
CA THR A 64 -32.21 3.03 21.42
C THR A 64 -31.36 2.35 20.36
N GLU A 65 -32.03 1.70 19.41
CA GLU A 65 -31.36 1.10 18.26
C GLU A 65 -31.10 2.16 17.19
N TYR A 66 -29.84 2.26 16.77
CA TYR A 66 -29.45 3.20 15.74
C TYR A 66 -28.69 2.45 14.65
N GLU A 67 -28.74 2.99 13.44
CA GLU A 67 -27.98 2.46 12.33
C GLU A 67 -27.12 3.57 11.76
N PHE A 68 -25.87 3.25 11.45
CA PHE A 68 -24.91 4.23 10.95
C PHE A 68 -24.22 3.72 9.69
N ARG A 69 -24.01 4.64 8.75
CA ARG A 69 -23.19 4.38 7.59
C ARG A 69 -22.50 5.69 7.23
N VAL A 70 -21.27 5.59 6.74
CA VAL A 70 -20.48 6.77 6.41
C VAL A 70 -20.05 6.69 4.95
N ARG A 71 -20.13 7.82 4.25
CA ARG A 71 -19.75 7.89 2.85
C ARG A 71 -18.80 9.08 2.66
N ALA A 72 -17.75 8.86 1.89
CA ALA A 72 -16.82 9.92 1.54
C ALA A 72 -17.46 10.83 0.51
N VAL A 73 -17.09 12.11 0.54
CA VAL A 73 -17.69 13.07 -0.37
C VAL A 73 -16.65 13.77 -1.23
N ASN A 74 -16.73 13.72 -2.56
CA ASN A 74 -17.73 12.99 -3.37
C ASN A 74 -19.21 13.24 -3.05
N ARG A 75 -19.95 12.16 -2.89
CA ARG A 75 -21.37 12.20 -2.54
C ARG A 75 -21.86 10.80 -2.19
N PRO A 85 -20.73 1.46 1.14
CA PRO A 85 -19.87 1.94 2.24
C PRO A 85 -19.81 0.95 3.39
N SER A 86 -19.32 1.39 4.54
CA SER A 86 -19.30 0.58 5.74
C SER A 86 -20.44 0.99 6.66
N SER A 87 -21.12 -0.01 7.23
CA SER A 87 -22.32 0.20 8.04
C SER A 87 -22.16 -0.46 9.39
N VAL A 88 -22.64 0.22 10.44
CA VAL A 88 -22.60 -0.30 11.80
C VAL A 88 -23.94 -0.09 12.49
N SER A 89 -24.29 -1.00 13.40
CA SER A 89 -25.51 -0.94 14.20
C SER A 89 -25.14 -0.72 15.67
N VAL A 90 -25.86 0.18 16.35
CA VAL A 90 -25.57 0.52 17.74
C VAL A 90 -26.85 0.56 18.59
N THR A 91 -26.79 -0.01 19.81
CA THR A 91 -27.81 0.17 20.84
C THR A 91 -27.16 0.77 22.08
N THR A 92 -27.74 1.87 22.58
CA THR A 92 -27.23 2.59 23.74
C THR A 92 -27.74 1.97 25.05
N GLY A 93 -27.07 2.34 26.15
CA GLY A 93 -27.40 1.81 27.47
C GLY A 93 -28.43 2.57 28.29
N HIS A 94 -29.11 1.82 29.17
CA HIS A 94 -30.15 2.29 30.11
C HIS A 94 -29.98 1.48 31.40
N HIS A 95 -30.57 1.81 32.58
CA HIS A 95 -31.17 3.08 32.98
C HIS A 95 -30.10 4.03 33.51
N HIS A 96 -30.35 5.33 33.42
CA HIS A 96 -29.52 6.30 34.13
C HIS A 96 -30.29 6.92 35.29
N HIS A 97 -30.66 8.18 35.14
CA HIS A 97 -31.35 8.91 36.19
C HIS A 97 -30.39 8.81 37.44
N HIS A 98 -30.60 8.19 38.63
CA HIS A 98 -31.78 7.73 39.37
C HIS A 98 -32.49 6.51 38.81
N PRO B 4 27.04 -0.80 -40.95
CA PRO B 4 27.89 -1.90 -41.39
C PRO B 4 29.35 -1.67 -41.00
N PRO B 5 30.15 -2.74 -40.85
CA PRO B 5 29.92 -4.19 -40.99
C PRO B 5 28.69 -4.74 -40.27
N GLY B 6 28.05 -5.76 -40.87
CA GLY B 6 28.55 -6.38 -42.07
C GLY B 6 29.29 -7.66 -41.72
N ASN B 7 28.62 -8.80 -41.90
CA ASN B 7 29.12 -10.10 -41.49
C ASN B 7 29.19 -10.19 -39.98
N LEU B 8 28.76 -9.15 -39.28
CA LEU B 8 28.66 -9.16 -37.82
C LEU B 8 27.82 -7.97 -37.38
N ARG B 9 26.76 -8.26 -36.63
CA ARG B 9 25.81 -7.25 -36.19
C ARG B 9 25.47 -7.53 -34.74
N VAL B 10 25.04 -6.51 -34.02
CA VAL B 10 24.56 -6.69 -32.66
C VAL B 10 23.11 -6.24 -32.65
N THR B 11 22.22 -7.13 -32.20
CA THR B 11 20.79 -6.88 -32.31
C THR B 11 20.26 -6.08 -31.12
N ASP B 12 20.61 -6.53 -29.91
CA ASP B 12 20.10 -5.92 -28.69
C ASP B 12 21.18 -5.94 -27.62
N VAL B 13 21.29 -4.84 -26.88
CA VAL B 13 22.29 -4.67 -25.84
C VAL B 13 21.58 -4.34 -24.55
N THR B 14 21.74 -5.20 -23.54
CA THR B 14 21.19 -4.97 -22.21
C THR B 14 22.33 -4.75 -21.23
N SER B 15 21.97 -4.63 -19.94
CA SER B 15 22.98 -4.40 -18.91
C SER B 15 23.87 -5.61 -18.70
N THR B 16 23.33 -6.81 -18.88
CA THR B 16 24.07 -8.04 -18.60
C THR B 16 24.21 -8.96 -19.79
N SER B 17 23.69 -8.61 -20.96
CA SER B 17 23.77 -9.51 -22.08
C SER B 17 23.84 -8.72 -23.37
N VAL B 18 24.36 -9.37 -24.41
CA VAL B 18 24.40 -8.82 -25.76
C VAL B 18 24.09 -9.97 -26.73
N THR B 19 23.26 -9.67 -27.73
CA THR B 19 22.91 -10.65 -28.75
C THR B 19 23.68 -10.32 -30.02
N LEU B 20 24.32 -11.34 -30.60
CA LEU B 20 25.13 -11.19 -31.80
C LEU B 20 24.53 -11.99 -32.95
N SER B 21 24.70 -11.47 -34.16
CA SER B 21 24.28 -12.14 -35.39
C SER B 21 25.37 -11.90 -36.41
N TRP B 22 25.69 -12.94 -37.19
CA TRP B 22 26.86 -12.84 -38.07
C TRP B 22 26.65 -13.65 -39.34
N ARG B 23 27.63 -13.52 -40.23
CA ARG B 23 27.65 -14.28 -41.46
C ARG B 23 27.80 -15.77 -41.18
N GLY B 24 26.85 -16.55 -41.70
CA GLY B 24 26.88 -17.99 -41.55
C GLY B 24 27.40 -18.65 -42.81
N TYR B 25 28.28 -19.61 -42.62
CA TYR B 25 28.83 -20.39 -43.71
C TYR B 25 28.34 -21.82 -43.60
N PRO B 26 27.84 -22.43 -44.68
CA PRO B 26 27.31 -23.80 -44.56
C PRO B 26 28.38 -24.84 -44.32
N TRP B 27 29.56 -24.69 -44.94
CA TRP B 27 30.65 -25.64 -44.71
C TRP B 27 31.11 -25.65 -43.26
N ALA B 28 31.01 -24.51 -42.57
CA ALA B 28 31.47 -24.43 -41.19
C ALA B 28 30.63 -25.33 -40.30
N THR B 29 31.31 -26.06 -39.41
CA THR B 29 30.60 -26.92 -38.46
C THR B 29 30.08 -26.15 -37.26
N GLY B 30 30.79 -25.10 -36.84
CA GLY B 30 30.39 -24.31 -35.70
C GLY B 30 31.09 -22.97 -35.72
N TYR B 31 30.86 -22.20 -34.65
CA TYR B 31 31.40 -20.86 -34.52
C TYR B 31 31.88 -20.64 -33.09
N ARG B 32 32.94 -19.83 -32.95
CA ARG B 32 33.48 -19.47 -31.65
C ARG B 32 33.37 -17.98 -31.46
N VAL B 33 32.67 -17.57 -30.40
CA VAL B 33 32.52 -16.18 -30.03
C VAL B 33 33.54 -15.86 -28.94
N GLU B 34 34.31 -14.80 -29.15
CA GLU B 34 35.35 -14.38 -28.22
C GLU B 34 35.01 -12.99 -27.69
N TYR B 35 35.27 -12.78 -26.41
CA TYR B 35 34.86 -11.54 -25.76
C TYR B 35 35.65 -11.33 -24.48
N ARG B 36 35.72 -10.07 -24.04
CA ARG B 36 36.46 -9.74 -22.83
C ARG B 36 36.06 -8.35 -22.38
N GLU B 37 36.34 -8.08 -21.10
CA GLU B 37 36.36 -6.71 -20.62
C GLU B 37 37.53 -5.97 -21.25
N ALA B 38 37.44 -4.64 -21.24
CA ALA B 38 38.52 -3.82 -21.76
C ALA B 38 39.78 -4.04 -20.93
N GLY B 39 40.82 -4.55 -21.56
CA GLY B 39 42.04 -4.87 -20.84
C GLY B 39 41.90 -6.06 -19.92
N GLY B 40 41.06 -7.02 -20.29
CA GLY B 40 40.84 -8.19 -19.45
C GLY B 40 41.20 -9.51 -20.09
N GLU B 41 40.67 -10.59 -19.54
CA GLU B 41 41.01 -11.94 -19.99
C GLU B 41 39.99 -12.36 -21.04
N TRP B 42 40.48 -12.63 -22.25
CA TRP B 42 39.62 -13.13 -23.31
C TRP B 42 38.87 -14.37 -22.85
N LYS B 43 37.59 -14.40 -23.12
CA LYS B 43 36.76 -15.57 -22.89
C LYS B 43 36.24 -16.07 -24.23
N GLU B 44 35.76 -17.31 -24.25
CA GLU B 44 35.27 -17.88 -25.48
C GLU B 44 34.13 -18.83 -25.19
N VAL B 45 33.26 -18.98 -26.18
CA VAL B 45 32.16 -19.94 -26.15
C VAL B 45 31.96 -20.44 -27.57
N THR B 46 31.80 -21.75 -27.72
CA THR B 46 31.60 -22.36 -29.02
C THR B 46 30.12 -22.69 -29.20
N VAL B 47 29.56 -22.28 -30.32
CA VAL B 47 28.14 -22.48 -30.61
C VAL B 47 28.03 -23.42 -31.82
N PRO B 48 27.44 -24.60 -31.66
CA PRO B 48 27.35 -25.54 -32.79
C PRO B 48 26.39 -25.05 -33.86
N GLY B 49 26.62 -25.52 -35.08
CA GLY B 49 25.67 -25.35 -36.16
C GLY B 49 26.03 -24.33 -37.22
N ASP B 50 25.93 -24.72 -38.50
CA ASP B 50 26.23 -23.79 -39.59
C ASP B 50 25.13 -22.74 -39.73
N LEU B 51 23.88 -23.14 -39.56
CA LEU B 51 22.76 -22.20 -39.59
C LEU B 51 22.56 -21.49 -38.28
N SER B 52 23.34 -21.81 -37.26
CA SER B 52 23.25 -21.13 -35.97
C SER B 52 24.19 -19.93 -35.92
N HIS B 53 24.09 -19.01 -36.88
CA HIS B 53 24.86 -17.76 -36.79
C HIS B 53 24.02 -16.71 -36.07
N ARG B 54 23.90 -16.93 -34.75
CA ARG B 54 23.14 -16.07 -33.85
C ARG B 54 23.39 -16.52 -32.42
N TYR B 55 23.65 -15.59 -31.51
CA TYR B 55 23.98 -15.97 -30.15
C TYR B 55 23.74 -14.80 -29.20
N THR B 56 23.47 -15.12 -27.94
CA THR B 56 23.27 -14.14 -26.87
C THR B 56 24.31 -14.38 -25.79
N VAL B 57 25.20 -13.42 -25.56
CA VAL B 57 26.25 -13.55 -24.56
C VAL B 57 25.73 -13.03 -23.23
N THR B 58 25.60 -13.91 -22.25
CA THR B 58 25.01 -13.63 -20.94
C THR B 58 26.11 -13.44 -19.90
N GLY B 59 25.71 -12.87 -18.76
CA GLY B 59 26.59 -12.77 -17.60
C GLY B 59 27.54 -11.60 -17.59
N LEU B 60 27.31 -10.58 -18.41
CA LEU B 60 28.22 -9.45 -18.50
C LEU B 60 27.84 -8.36 -17.49
N LYS B 61 28.80 -7.45 -17.23
CA LYS B 61 28.64 -6.42 -16.20
C LYS B 61 27.95 -5.19 -16.77
N PRO B 62 27.06 -4.57 -16.00
CA PRO B 62 26.49 -3.29 -16.42
C PRO B 62 27.56 -2.21 -16.48
N GLY B 63 27.46 -1.37 -17.51
CA GLY B 63 28.27 -0.17 -17.64
C GLY B 63 29.74 -0.39 -17.96
N THR B 64 30.06 -1.33 -18.84
CA THR B 64 31.45 -1.64 -19.11
C THR B 64 31.66 -1.86 -20.61
N GLU B 65 32.77 -1.33 -21.12
CA GLU B 65 33.16 -1.55 -22.50
C GLU B 65 33.53 -3.01 -22.70
N TYR B 66 33.04 -3.61 -23.78
CA TYR B 66 33.30 -5.00 -24.14
C TYR B 66 33.61 -5.12 -25.63
N GLU B 67 34.45 -6.09 -25.96
CA GLU B 67 34.76 -6.44 -27.34
C GLU B 67 34.22 -7.83 -27.64
N PHE B 68 33.67 -8.02 -28.84
CA PHE B 68 33.18 -9.31 -29.29
C PHE B 68 33.68 -9.59 -30.71
N ARG B 69 34.06 -10.83 -30.96
CA ARG B 69 34.42 -11.26 -32.30
C ARG B 69 34.17 -12.76 -32.43
N VAL B 70 33.75 -13.19 -33.62
CA VAL B 70 33.35 -14.56 -33.87
C VAL B 70 34.20 -15.15 -34.98
N ARG B 71 34.55 -16.42 -34.86
CA ARG B 71 35.41 -17.10 -35.82
C ARG B 71 34.81 -18.46 -36.17
N ALA B 72 34.79 -18.76 -37.46
CA ALA B 72 34.27 -20.04 -37.93
C ALA B 72 35.34 -21.12 -37.81
N VAL B 73 34.91 -22.33 -37.46
CA VAL B 73 35.80 -23.45 -37.22
C VAL B 73 35.43 -24.59 -38.16
N ASN B 74 36.45 -25.31 -38.65
CA ASN B 74 36.24 -26.34 -39.66
C ASN B 74 35.76 -27.65 -39.06
N ARG B 75 36.26 -28.00 -37.88
CA ARG B 75 35.95 -29.27 -37.24
C ARG B 75 36.28 -29.12 -35.75
N VAL B 76 36.69 -30.22 -35.11
CA VAL B 76 37.26 -30.12 -33.77
C VAL B 76 38.54 -29.30 -33.81
N GLY B 77 39.36 -29.51 -34.83
CA GLY B 77 40.54 -28.68 -35.02
C GLY B 77 40.16 -27.25 -35.37
N ARG B 78 41.05 -26.33 -35.04
CA ARG B 78 40.79 -24.92 -35.29
C ARG B 78 40.90 -24.59 -36.76
N THR B 79 40.08 -23.64 -37.21
CA THR B 79 40.13 -23.15 -38.58
C THR B 79 40.48 -21.68 -38.60
N PHE B 80 40.94 -21.23 -39.77
CA PHE B 80 41.21 -19.81 -39.99
C PHE B 80 39.97 -19.11 -40.53
N SER B 87 35.25 -7.59 -35.65
CA SER B 87 34.88 -7.43 -34.25
C SER B 87 33.97 -6.22 -34.07
N VAL B 88 33.28 -6.18 -32.93
CA VAL B 88 32.44 -5.05 -32.56
C VAL B 88 32.70 -4.69 -31.10
N SER B 89 32.51 -3.43 -30.78
CA SER B 89 32.69 -2.91 -29.43
C SER B 89 31.33 -2.57 -28.83
N VAL B 90 31.08 -3.02 -27.60
CA VAL B 90 29.79 -2.85 -26.96
C VAL B 90 29.99 -2.29 -25.55
N THR B 91 29.13 -1.35 -25.15
CA THR B 91 29.02 -0.90 -23.77
C THR B 91 27.62 -1.22 -23.27
N THR B 92 27.55 -1.90 -22.13
CA THR B 92 26.28 -2.25 -21.52
C THR B 92 25.71 -1.07 -20.74
N GLY B 93 24.41 -1.11 -20.47
CA GLY B 93 23.77 -0.06 -19.71
C GLY B 93 23.89 -0.29 -18.22
N HIS B 94 23.62 0.75 -17.42
CA HIS B 94 23.79 0.64 -15.98
C HIS B 94 22.82 1.52 -15.22
N HIS B 95 22.30 0.97 -14.10
CA HIS B 95 21.51 1.63 -13.05
C HIS B 95 20.43 0.70 -12.47
N HIS B 96 20.80 -0.22 -11.58
CA HIS B 96 19.92 -1.28 -11.13
C HIS B 96 19.08 -0.95 -9.88
N HIS B 97 19.55 -0.07 -8.99
CA HIS B 97 18.81 0.24 -7.79
C HIS B 97 18.20 1.63 -7.87
N HIS B 98 18.85 2.65 -7.36
CA HIS B 98 18.23 3.97 -7.25
C HIS B 98 19.31 5.04 -7.08
N HIS B 99 18.86 6.28 -7.01
CA HIS B 99 19.70 7.47 -6.92
C HIS B 99 20.85 7.35 -5.94
N GLY C 6 -33.91 8.42 42.81
CA GLY C 6 -33.63 8.02 44.18
C GLY C 6 -32.34 8.59 44.73
N ASN C 7 -31.78 7.92 45.74
CA ASN C 7 -30.55 8.37 46.36
C ASN C 7 -29.31 7.96 45.59
N LEU C 8 -29.42 7.10 44.59
CA LEU C 8 -28.30 6.62 43.81
C LEU C 8 -28.60 6.82 42.33
N ARG C 9 -27.65 7.44 41.61
CA ARG C 9 -27.84 7.85 40.23
C ARG C 9 -26.70 7.36 39.34
N VAL C 10 -27.02 7.13 38.07
CA VAL C 10 -26.07 6.67 37.07
C VAL C 10 -25.67 7.85 36.17
N THR C 11 -24.43 8.33 36.28
CA THR C 11 -24.01 9.49 35.51
C THR C 11 -23.66 9.15 34.05
N ASP C 12 -22.80 8.15 33.83
CA ASP C 12 -22.36 7.79 32.48
C ASP C 12 -22.39 6.28 32.34
N VAL C 13 -22.81 5.80 31.18
CA VAL C 13 -22.92 4.37 30.91
C VAL C 13 -22.20 4.07 29.60
N THR C 14 -21.29 3.11 29.64
CA THR C 14 -20.56 2.68 28.44
C THR C 14 -20.85 1.19 28.23
N SER C 15 -20.31 0.63 27.15
CA SER C 15 -20.43 -0.80 26.91
C SER C 15 -19.68 -1.61 27.95
N THR C 16 -18.59 -1.09 28.51
CA THR C 16 -17.77 -1.85 29.43
C THR C 16 -17.64 -1.20 30.79
N SER C 17 -18.24 -0.03 31.01
CA SER C 17 -18.07 0.64 32.29
C SER C 17 -19.32 1.44 32.57
N VAL C 18 -19.49 1.78 33.85
CA VAL C 18 -20.58 2.62 34.33
C VAL C 18 -20.03 3.43 35.49
N THR C 19 -20.37 4.71 35.54
CA THR C 19 -19.98 5.57 36.64
C THR C 19 -21.19 5.86 37.51
N LEU C 20 -21.00 5.77 38.82
CA LEU C 20 -22.08 5.94 39.79
C LEU C 20 -21.72 7.00 40.82
N SER C 21 -22.74 7.70 41.30
CA SER C 21 -22.62 8.67 42.37
C SER C 21 -23.75 8.44 43.38
N TRP C 22 -23.41 8.58 44.65
CA TRP C 22 -24.34 8.32 45.75
C TRP C 22 -24.17 9.36 46.84
N ARG C 23 -25.27 9.68 47.50
CA ARG C 23 -25.23 10.67 48.57
C ARG C 23 -24.36 10.18 49.72
N GLY C 24 -23.61 11.10 50.30
CA GLY C 24 -22.74 10.75 51.40
C GLY C 24 -23.53 10.33 52.63
N TYR C 25 -22.91 9.46 53.44
CA TYR C 25 -23.48 8.99 54.69
C TYR C 25 -22.71 9.59 55.86
N PRO C 26 -23.39 9.87 56.98
CA PRO C 26 -22.70 10.53 58.10
C PRO C 26 -21.84 9.54 58.87
N TRP C 27 -20.59 9.94 59.12
CA TRP C 27 -19.65 9.16 59.95
C TRP C 27 -19.28 7.82 59.29
N ALA C 28 -18.92 7.90 58.00
CA ALA C 28 -18.56 6.73 57.22
C ALA C 28 -17.17 6.92 56.63
N THR C 29 -16.32 5.90 56.79
CA THR C 29 -14.94 5.92 56.31
C THR C 29 -14.79 5.49 54.86
N GLY C 30 -15.87 5.05 54.22
CA GLY C 30 -15.81 4.59 52.85
C GLY C 30 -17.04 3.75 52.54
N TYR C 31 -17.06 3.27 51.29
CA TYR C 31 -18.25 2.62 50.75
C TYR C 31 -17.89 1.34 50.00
N ARG C 32 -18.84 0.40 50.01
CA ARG C 32 -18.74 -0.86 49.28
C ARG C 32 -19.83 -0.91 48.23
N VAL C 33 -19.42 -1.00 46.96
CA VAL C 33 -20.35 -1.07 45.83
C VAL C 33 -20.48 -2.53 45.44
N GLU C 34 -21.71 -3.03 45.40
CA GLU C 34 -22.00 -4.40 45.02
C GLU C 34 -22.70 -4.39 43.68
N TYR C 35 -22.27 -5.27 42.77
CA TYR C 35 -22.84 -5.37 41.44
C TYR C 35 -22.88 -6.82 41.00
N ARG C 36 -23.87 -7.15 40.16
CA ARG C 36 -24.04 -8.51 39.67
C ARG C 36 -24.68 -8.47 38.29
N GLU C 37 -24.47 -9.56 37.56
CA GLU C 37 -25.17 -9.79 36.31
C GLU C 37 -26.54 -10.39 36.59
N ALA C 38 -27.38 -10.44 35.55
CA ALA C 38 -28.76 -10.89 35.68
C ALA C 38 -28.88 -12.37 35.96
N GLY C 39 -27.78 -13.10 36.13
CA GLY C 39 -27.83 -14.50 36.50
C GLY C 39 -28.49 -14.74 37.84
N GLY C 40 -27.82 -14.37 38.94
CA GLY C 40 -26.51 -13.73 38.88
C GLY C 40 -25.84 -13.59 40.22
N GLU C 41 -24.51 -13.69 40.22
CA GLU C 41 -23.74 -13.71 41.46
C GLU C 41 -23.20 -12.32 41.76
N TRP C 42 -23.42 -11.87 42.99
CA TRP C 42 -23.00 -10.53 43.39
C TRP C 42 -21.49 -10.45 43.50
N LYS C 43 -20.94 -9.36 42.98
CA LYS C 43 -19.56 -8.98 43.18
C LYS C 43 -19.55 -7.59 43.79
N GLU C 44 -18.61 -7.36 44.69
CA GLU C 44 -18.51 -6.08 45.38
C GLU C 44 -17.09 -5.56 45.22
N VAL C 45 -16.97 -4.25 45.06
CA VAL C 45 -15.70 -3.53 45.08
C VAL C 45 -15.78 -2.48 46.18
N THR C 46 -14.71 -2.37 46.98
CA THR C 46 -14.69 -1.45 48.11
C THR C 46 -13.80 -0.25 47.78
N VAL C 47 -14.39 0.94 47.80
CA VAL C 47 -13.72 2.21 47.55
C VAL C 47 -13.84 3.09 48.79
N PRO C 48 -12.74 3.50 49.44
CA PRO C 48 -12.89 4.35 50.62
C PRO C 48 -13.27 5.78 50.25
N HIS C 53 -17.67 10.65 46.65
CA HIS C 53 -18.46 9.42 46.72
C HIS C 53 -18.89 8.96 45.33
N ARG C 54 -17.93 8.84 44.42
CA ARG C 54 -18.20 8.42 43.04
C ARG C 54 -17.14 7.41 42.61
N TYR C 55 -17.57 6.46 41.77
CA TYR C 55 -16.66 5.43 41.28
C TYR C 55 -17.20 4.86 39.98
N THR C 56 -16.28 4.43 39.13
CA THR C 56 -16.61 3.84 37.83
C THR C 56 -16.26 2.36 37.86
N VAL C 57 -17.23 1.50 37.63
CA VAL C 57 -17.02 0.06 37.64
C VAL C 57 -16.66 -0.34 36.22
N THR C 58 -15.48 -0.92 36.05
CA THR C 58 -14.95 -1.29 34.75
C THR C 58 -14.94 -2.81 34.61
N GLY C 59 -14.60 -3.26 33.41
CA GLY C 59 -14.47 -4.69 33.16
C GLY C 59 -15.79 -5.40 32.97
N LEU C 60 -16.81 -4.67 32.53
CA LEU C 60 -18.16 -5.19 32.32
C LEU C 60 -18.37 -5.63 30.87
N LYS C 61 -19.33 -6.57 30.69
CA LYS C 61 -19.62 -7.10 29.36
C LYS C 61 -20.61 -6.20 28.63
N PRO C 62 -20.33 -5.83 27.39
CA PRO C 62 -21.29 -5.01 26.63
C PRO C 62 -22.64 -5.68 26.41
N GLY C 63 -23.68 -4.85 26.37
CA GLY C 63 -25.03 -5.25 26.02
C GLY C 63 -25.73 -6.18 26.98
N THR C 64 -25.40 -6.12 28.26
CA THR C 64 -25.99 -6.99 29.27
C THR C 64 -26.51 -6.15 30.43
N GLU C 65 -27.60 -6.61 31.03
CA GLU C 65 -28.21 -5.93 32.16
C GLU C 65 -27.47 -6.28 33.45
N TYR C 66 -27.08 -5.24 34.18
CA TYR C 66 -26.36 -5.33 35.45
C TYR C 66 -27.15 -4.64 36.55
N GLU C 67 -26.86 -5.03 37.78
CA GLU C 67 -27.44 -4.42 38.97
C GLU C 67 -26.34 -3.86 39.85
N PHE C 68 -26.56 -2.65 40.38
CA PHE C 68 -25.59 -1.98 41.23
C PHE C 68 -26.26 -1.49 42.50
N ARG C 69 -25.57 -1.65 43.62
CA ARG C 69 -25.99 -1.08 44.89
C ARG C 69 -24.73 -0.71 45.66
N VAL C 70 -24.83 0.35 46.45
CA VAL C 70 -23.74 0.82 47.28
C VAL C 70 -24.24 0.75 48.71
N ARG C 71 -23.38 0.31 49.61
CA ARG C 71 -23.75 0.07 50.98
C ARG C 71 -22.81 0.80 51.92
N ALA C 72 -23.38 1.35 52.98
CA ALA C 72 -22.60 1.98 54.03
C ALA C 72 -21.88 0.91 54.82
N VAL C 73 -20.74 1.29 55.40
CA VAL C 73 -19.92 0.30 56.09
C VAL C 73 -19.76 0.65 57.56
N ASN C 74 -20.01 -0.34 58.42
CA ASN C 74 -20.35 -1.69 57.97
C ASN C 74 -21.83 -1.85 57.67
N ARG C 75 -22.62 -0.83 58.00
CA ARG C 75 -24.04 -0.79 57.69
C ARG C 75 -24.61 0.60 57.96
N SER C 87 -30.84 -1.72 43.72
CA SER C 87 -30.85 -0.26 43.83
C SER C 87 -30.99 0.37 42.45
N VAL C 88 -30.01 0.19 41.58
CA VAL C 88 -30.10 0.70 40.22
C VAL C 88 -29.74 -0.41 39.25
N SER C 89 -30.40 -0.41 38.09
CA SER C 89 -30.17 -1.39 37.04
C SER C 89 -29.61 -0.68 35.81
N VAL C 90 -28.58 -1.28 35.21
CA VAL C 90 -27.85 -0.68 34.09
C VAL C 90 -27.70 -1.70 32.98
N THR C 91 -27.89 -1.24 31.74
CA THR C 91 -27.60 -2.02 30.54
C THR C 91 -26.51 -1.30 29.75
N THR C 92 -25.50 -2.05 29.35
CA THR C 92 -24.37 -1.54 28.58
C THR C 92 -24.73 -1.51 27.08
N GLY C 93 -23.83 -0.86 26.31
CA GLY C 93 -24.04 -0.69 24.89
C GLY C 93 -23.75 -1.94 24.08
N HIS C 94 -24.34 -1.97 22.88
CA HIS C 94 -24.35 -3.08 21.95
C HIS C 94 -24.06 -2.53 20.56
N HIS C 95 -23.28 -3.24 19.75
CA HIS C 95 -22.99 -2.74 18.40
C HIS C 95 -22.45 -3.84 17.49
N HIS C 96 -22.78 -3.72 16.20
CA HIS C 96 -22.25 -4.54 15.10
C HIS C 96 -22.07 -3.66 13.85
N HIS C 97 -21.01 -3.85 13.07
CA HIS C 97 -20.01 -4.89 13.25
C HIS C 97 -18.68 -4.28 13.64
N HIS C 98 -18.21 -4.66 14.82
CA HIS C 98 -16.93 -4.20 15.37
C HIS C 98 -16.67 -4.99 16.63
N LEU D 8 -7.02 -12.19 -12.75
CA LEU D 8 -5.88 -11.29 -12.96
C LEU D 8 -5.77 -10.93 -14.44
N ARG D 9 -4.54 -10.79 -14.91
CA ARG D 9 -4.28 -10.38 -16.29
C ARG D 9 -3.22 -11.28 -16.89
N VAL D 10 -3.52 -11.85 -18.06
CA VAL D 10 -2.58 -12.70 -18.77
C VAL D 10 -1.88 -11.81 -19.79
N THR D 11 -0.74 -11.25 -19.37
CA THR D 11 -0.03 -10.26 -20.18
C THR D 11 0.78 -10.85 -21.32
N ASP D 12 1.25 -12.09 -21.18
CA ASP D 12 2.00 -12.74 -22.26
C ASP D 12 1.73 -14.23 -22.24
N VAL D 13 1.75 -14.83 -23.43
CA VAL D 13 1.58 -16.27 -23.57
C VAL D 13 2.68 -16.78 -24.49
N THR D 14 3.40 -17.82 -24.05
CA THR D 14 4.48 -18.42 -24.80
C THR D 14 4.20 -19.92 -24.87
N SER D 15 5.06 -20.64 -25.59
CA SER D 15 4.91 -22.09 -25.68
C SER D 15 5.08 -22.75 -24.32
N THR D 16 6.00 -22.22 -23.49
CA THR D 16 6.38 -22.87 -22.24
C THR D 16 6.35 -21.93 -21.04
N SER D 17 5.91 -20.68 -21.20
CA SER D 17 5.95 -19.71 -20.12
C SER D 17 4.75 -18.78 -20.21
N VAL D 18 4.40 -18.21 -19.04
CA VAL D 18 3.29 -17.27 -18.91
C VAL D 18 3.69 -16.23 -17.87
N THR D 19 3.31 -14.97 -18.10
CA THR D 19 3.57 -13.87 -17.19
C THR D 19 2.25 -13.36 -16.63
N LEU D 20 2.30 -12.86 -15.39
CA LEU D 20 1.11 -12.42 -14.69
C LEU D 20 1.43 -11.24 -13.79
N SER D 21 0.41 -10.40 -13.55
CA SER D 21 0.57 -9.21 -12.74
C SER D 21 -0.64 -9.03 -11.82
N TRP D 22 -0.42 -8.26 -10.76
CA TRP D 22 -1.42 -7.99 -9.73
C TRP D 22 -2.21 -9.22 -9.28
N ARG D 23 -1.57 -10.16 -8.59
CA ARG D 23 -0.15 -10.09 -8.27
C ARG D 23 0.48 -11.48 -8.34
N VAL D 33 1.74 -18.05 -8.99
CA VAL D 33 1.19 -19.16 -8.23
C VAL D 33 -0.32 -19.04 -8.17
N GLU D 34 -1.03 -20.15 -8.03
CA GLU D 34 -0.46 -21.49 -8.16
C GLU D 34 -0.98 -22.13 -9.44
N TYR D 35 -0.08 -22.37 -10.39
CA TYR D 35 -0.47 -22.90 -11.70
C TYR D 35 -0.79 -24.38 -11.62
N ARG D 36 -1.83 -24.79 -12.35
CA ARG D 36 -2.29 -26.17 -12.38
C ARG D 36 -2.85 -26.50 -13.75
N GLU D 37 -3.46 -27.70 -13.85
CA GLU D 37 -4.31 -28.22 -14.93
C GLU D 37 -3.57 -29.17 -15.88
N ALA D 38 -2.24 -29.19 -15.83
CA ALA D 38 -1.49 -30.26 -16.52
C ALA D 38 -0.04 -30.28 -16.06
N ARG D 54 4.91 -9.37 -9.87
CA ARG D 54 4.85 -9.68 -11.28
C ARG D 54 5.84 -10.78 -11.64
N TYR D 55 5.34 -11.91 -12.13
CA TYR D 55 6.14 -13.12 -12.25
C TYR D 55 5.89 -13.84 -13.56
N THR D 56 6.94 -14.45 -14.10
CA THR D 56 6.87 -15.23 -15.34
C THR D 56 6.98 -16.70 -14.97
N VAL D 57 5.92 -17.47 -15.24
CA VAL D 57 5.88 -18.88 -14.90
C VAL D 57 6.71 -19.68 -15.91
N THR D 58 7.29 -20.78 -15.45
CA THR D 58 8.23 -21.59 -16.23
C THR D 58 7.78 -23.05 -16.23
N GLY D 59 8.17 -23.77 -17.29
CA GLY D 59 8.03 -25.22 -17.31
C GLY D 59 6.73 -25.73 -17.90
N LEU D 60 6.03 -24.90 -18.67
CA LEU D 60 4.72 -25.27 -19.18
C LEU D 60 4.87 -26.03 -20.50
N LYS D 61 3.95 -26.89 -20.75
CA LYS D 61 4.16 -27.60 -22.00
C LYS D 61 3.40 -26.93 -23.13
N PRO D 62 3.96 -26.89 -24.34
CA PRO D 62 3.24 -26.30 -25.47
C PRO D 62 1.94 -27.03 -25.77
N GLY D 63 0.92 -26.27 -26.18
CA GLY D 63 -0.35 -26.85 -26.55
C GLY D 63 -1.11 -27.49 -25.41
N THR D 64 -0.98 -26.96 -24.21
CA THR D 64 -1.56 -27.54 -23.01
C THR D 64 -2.46 -26.50 -22.35
N GLU D 65 -3.67 -26.91 -22.00
CA GLU D 65 -4.54 -26.03 -21.25
C GLU D 65 -4.06 -25.93 -19.79
N TYR D 66 -4.24 -24.74 -19.21
CA TYR D 66 -3.81 -24.47 -17.85
C TYR D 66 -4.82 -23.56 -17.18
N GLU D 67 -4.93 -23.69 -15.86
CA GLU D 67 -5.89 -22.95 -15.06
C GLU D 67 -5.16 -22.11 -14.02
N PHE D 68 -5.60 -20.86 -13.86
CA PHE D 68 -5.02 -19.93 -12.92
C PHE D 68 -6.12 -19.16 -12.19
N ARG D 69 -5.94 -19.03 -10.88
CA ARG D 69 -6.83 -18.23 -10.04
C ARG D 69 -6.00 -17.54 -8.97
N VAL D 70 -6.44 -16.33 -8.59
CA VAL D 70 -5.76 -15.43 -7.65
C VAL D 70 -4.27 -15.42 -8.17
N ARG D 71 -3.19 -15.93 -7.56
CA ARG D 71 -2.96 -16.28 -6.15
C ARG D 71 -1.82 -15.44 -5.59
N ALA D 72 -2.08 -14.81 -4.45
CA ALA D 72 -1.06 -14.03 -3.77
C ALA D 72 0.08 -14.92 -3.32
N VAL D 73 1.29 -14.58 -3.75
CA VAL D 73 2.51 -15.28 -3.35
C VAL D 73 3.68 -14.30 -3.45
N VAL D 88 -8.04 -17.37 -14.46
CA VAL D 88 -7.75 -17.23 -15.88
C VAL D 88 -7.25 -18.57 -16.46
N SER D 89 -7.80 -18.94 -17.62
CA SER D 89 -7.34 -20.09 -18.37
C SER D 89 -6.32 -19.64 -19.41
N VAL D 90 -5.29 -20.46 -19.65
CA VAL D 90 -4.22 -20.13 -20.58
C VAL D 90 -3.85 -21.37 -21.36
N THR D 91 -3.81 -21.26 -22.69
CA THR D 91 -3.35 -22.33 -23.56
C THR D 91 -2.05 -21.89 -24.22
N THR D 92 -1.03 -22.74 -24.16
CA THR D 92 0.30 -22.41 -24.60
C THR D 92 0.54 -22.93 -26.03
N GLY D 93 1.80 -22.98 -26.42
CA GLY D 93 2.22 -23.46 -27.74
C GLY D 93 1.43 -22.93 -28.91
N HIS D 94 1.45 -23.64 -30.03
CA HIS D 94 2.41 -24.71 -30.28
C HIS D 94 2.75 -24.69 -31.76
N HIS D 95 3.58 -25.62 -32.18
CA HIS D 95 3.88 -25.77 -33.59
C HIS D 95 4.26 -27.21 -33.84
N HIS D 96 4.01 -27.65 -35.06
CA HIS D 96 4.39 -28.99 -35.47
C HIS D 96 5.65 -28.89 -36.32
N HIS D 97 6.78 -29.25 -35.72
CA HIS D 97 7.96 -29.64 -36.45
C HIS D 97 7.71 -31.02 -37.08
N HIS D 98 7.33 -31.16 -38.36
CA HIS D 98 6.91 -30.14 -39.33
C HIS D 98 6.19 -30.88 -40.45
N HIS D 99 5.18 -30.27 -41.08
CA HIS D 99 4.45 -30.98 -42.13
C HIS D 99 5.19 -30.94 -43.46
N ASN E 7 2.44 17.88 10.05
CA ASN E 7 1.01 18.00 10.30
C ASN E 7 0.57 17.10 11.45
N LEU E 8 0.68 17.63 12.67
CA LEU E 8 0.36 16.93 13.91
C LEU E 8 -0.51 17.81 14.80
N ARG E 9 -1.49 17.20 15.49
CA ARG E 9 -2.42 17.93 16.33
C ARG E 9 -2.41 17.36 17.75
N VAL E 10 -2.58 18.24 18.74
CA VAL E 10 -2.66 17.85 20.14
C VAL E 10 -4.13 17.94 20.54
N THR E 11 -4.76 16.78 20.74
CA THR E 11 -6.20 16.77 20.97
C THR E 11 -6.56 17.21 22.37
N ASP E 12 -5.91 16.63 23.38
CA ASP E 12 -6.20 16.94 24.78
C ASP E 12 -4.90 16.94 25.56
N VAL E 13 -4.83 17.81 26.57
CA VAL E 13 -3.68 17.89 27.45
C VAL E 13 -4.20 17.74 28.87
N THR E 14 -3.65 16.79 29.61
CA THR E 14 -4.02 16.57 30.99
C THR E 14 -2.74 16.73 31.83
N SER E 15 -2.88 16.67 33.14
CA SER E 15 -1.72 16.73 34.03
C SER E 15 -0.78 15.55 33.82
N THR E 16 -1.31 14.41 33.41
CA THR E 16 -0.50 13.20 33.29
C THR E 16 -0.54 12.60 31.89
N SER E 17 -1.28 13.19 30.95
CA SER E 17 -1.45 12.53 29.66
C SER E 17 -1.61 13.57 28.55
N VAL E 18 -1.43 13.11 27.32
CA VAL E 18 -1.57 13.92 26.11
C VAL E 18 -2.15 13.05 25.01
N THR E 19 -3.10 13.59 24.26
CA THR E 19 -3.70 12.90 23.12
C THR E 19 -3.22 13.54 21.83
N LEU E 20 -2.86 12.69 20.85
CA LEU E 20 -2.29 13.16 19.60
C LEU E 20 -3.10 12.63 18.43
N SER E 21 -3.20 13.45 17.38
CA SER E 21 -3.82 13.05 16.12
C SER E 21 -2.97 13.53 14.96
N TRP E 22 -2.88 12.70 13.92
CA TRP E 22 -2.10 13.06 12.74
C TRP E 22 -2.73 12.56 11.42
N TYR E 25 0.11 8.49 6.37
CA TYR E 25 1.34 8.31 5.61
C TYR E 25 1.19 7.19 4.58
N PRO E 26 1.87 7.34 3.44
CA PRO E 26 1.69 6.35 2.37
C PRO E 26 2.38 5.04 2.70
N TRP E 27 1.63 3.95 2.56
CA TRP E 27 2.12 2.59 2.81
C TRP E 27 2.71 2.46 4.21
N ALA E 28 2.00 3.02 5.19
CA ALA E 28 2.45 2.96 6.57
C ALA E 28 1.82 1.77 7.26
N THR E 29 2.66 0.94 7.89
CA THR E 29 2.15 -0.20 8.64
C THR E 29 1.61 0.25 9.98
N GLY E 30 2.35 1.11 10.66
CA GLY E 30 1.99 1.65 11.95
C GLY E 30 2.73 2.97 12.09
N TYR E 31 2.64 3.54 13.29
CA TYR E 31 3.27 4.82 13.51
C TYR E 31 4.06 4.76 14.80
N ARG E 32 5.17 5.49 14.83
CA ARG E 32 6.05 5.55 15.99
C ARG E 32 6.04 6.96 16.52
N VAL E 33 5.58 7.12 17.77
CA VAL E 33 5.57 8.40 18.45
C VAL E 33 6.74 8.44 19.42
N GLU E 34 7.60 9.45 19.27
CA GLU E 34 8.74 9.64 20.15
C GLU E 34 8.52 10.89 20.99
N TYR E 35 8.82 10.79 22.28
CA TYR E 35 8.63 11.90 23.20
C TYR E 35 9.77 11.96 24.21
N ARG E 36 10.04 13.17 24.68
CA ARG E 36 11.12 13.46 25.61
C ARG E 36 10.71 14.61 26.51
N GLU E 37 11.33 14.69 27.68
CA GLU E 37 11.09 15.76 28.64
C GLU E 37 11.93 16.97 28.23
N ALA E 38 11.98 17.99 29.09
CA ALA E 38 12.90 19.10 28.92
C ALA E 38 14.18 18.81 29.70
N GLU E 41 15.26 12.92 27.91
CA GLU E 41 15.12 11.47 27.86
C GLU E 41 14.12 11.06 26.78
N TRP E 42 14.64 10.74 25.59
CA TRP E 42 13.78 10.28 24.52
C TRP E 42 13.16 8.94 24.87
N LYS E 43 11.86 8.82 24.66
CA LYS E 43 11.17 7.54 24.70
C LYS E 43 10.45 7.37 23.38
N GLU E 44 10.07 6.14 23.07
CA GLU E 44 9.38 5.89 21.81
C GLU E 44 8.43 4.72 21.97
N VAL E 45 7.19 4.92 21.55
CA VAL E 45 6.21 3.86 21.47
C VAL E 45 5.57 3.92 20.08
N THR E 46 5.47 2.77 19.44
CA THR E 46 4.95 2.66 18.09
C THR E 46 3.53 2.14 18.15
N VAL E 47 2.61 2.81 17.45
CA VAL E 47 1.23 2.36 17.44
C VAL E 47 0.96 1.76 16.06
N PRO E 48 0.81 0.44 15.96
CA PRO E 48 0.60 -0.18 14.65
C PRO E 48 -0.82 0.05 14.17
N GLY E 49 -1.00 -0.11 12.86
CA GLY E 49 -2.30 0.13 12.26
C GLY E 49 -2.37 1.45 11.52
N ASP E 50 -2.72 1.38 10.24
CA ASP E 50 -2.96 2.60 9.48
C ASP E 50 -4.12 3.39 10.06
N LEU E 51 -5.19 2.69 10.45
CA LEU E 51 -6.31 3.36 11.10
C LEU E 51 -5.95 3.93 12.46
N SER E 52 -4.90 3.43 13.09
CA SER E 52 -4.42 4.00 14.34
C SER E 52 -3.89 5.40 14.11
N HIS E 53 -4.81 6.35 13.91
CA HIS E 53 -4.51 7.74 13.61
C HIS E 53 -4.36 8.60 14.87
N ARG E 54 -4.62 8.03 16.04
CA ARG E 54 -4.59 8.73 17.31
C ARG E 54 -3.83 7.90 18.33
N TYR E 55 -3.26 8.59 19.32
CA TYR E 55 -2.62 7.92 20.44
C TYR E 55 -2.62 8.85 21.64
N THR E 56 -2.78 8.26 22.81
CA THR E 56 -2.76 8.97 24.09
C THR E 56 -1.54 8.53 24.88
N VAL E 57 -0.65 9.47 25.19
CA VAL E 57 0.57 9.17 25.94
C VAL E 57 0.29 9.42 27.42
N THR E 58 0.45 8.38 28.23
CA THR E 58 0.20 8.43 29.66
C THR E 58 1.53 8.32 30.42
N GLY E 59 1.44 8.43 31.74
CA GLY E 59 2.63 8.28 32.56
C GLY E 59 3.50 9.50 32.56
N LEU E 60 2.93 10.67 32.29
CA LEU E 60 3.70 11.89 32.23
C LEU E 60 3.69 12.58 33.58
N LYS E 61 4.72 13.37 33.82
CA LYS E 61 4.80 14.08 35.08
C LYS E 61 4.02 15.39 34.99
N PRO E 62 3.19 15.70 35.99
CA PRO E 62 2.51 16.98 36.00
C PRO E 62 3.50 18.14 35.99
N GLY E 63 3.12 19.21 35.31
CA GLY E 63 3.93 20.42 35.28
C GLY E 63 5.27 20.24 34.61
N THR E 64 5.37 19.33 33.64
CA THR E 64 6.62 19.07 32.94
C THR E 64 6.42 19.30 31.45
N GLU E 65 7.44 19.87 30.83
CA GLU E 65 7.44 20.15 29.41
C GLU E 65 7.84 18.89 28.62
N TYR E 66 7.06 18.54 27.61
CA TYR E 66 7.37 17.40 26.76
C TYR E 66 7.40 17.85 25.31
N GLU E 67 8.15 17.11 24.51
CA GLU E 67 8.15 17.29 23.06
C GLU E 67 7.73 15.98 22.43
N PHE E 68 6.85 16.06 21.45
CA PHE E 68 6.25 14.89 20.83
C PHE E 68 6.45 14.98 19.33
N ARG E 69 6.83 13.86 18.72
CA ARG E 69 6.91 13.77 17.27
C ARG E 69 6.54 12.36 16.86
N VAL E 70 5.88 12.25 15.72
CA VAL E 70 5.41 10.97 15.21
C VAL E 70 5.94 10.80 13.79
N ARG E 71 6.41 9.58 13.49
CA ARG E 71 6.97 9.23 12.20
C ARG E 71 6.35 7.93 11.70
N ALA E 72 6.15 7.83 10.40
CA ALA E 72 5.62 6.61 9.81
C ALA E 72 6.65 5.50 9.85
N VAL E 73 6.17 4.26 9.96
CA VAL E 73 7.05 3.11 10.06
C VAL E 73 6.75 2.14 8.92
N PRO E 85 8.81 15.61 12.65
CA PRO E 85 8.58 16.55 11.56
C PRO E 85 7.12 16.62 11.11
N SER E 86 6.40 17.64 11.54
CA SER E 86 6.92 18.62 12.49
C SER E 86 6.41 18.32 13.90
N SER E 87 7.27 18.51 14.90
CA SER E 87 6.92 18.11 16.25
C SER E 87 6.09 19.19 16.94
N VAL E 88 5.61 18.87 18.15
CA VAL E 88 4.85 19.80 18.98
C VAL E 88 5.31 19.67 20.42
N SER E 89 5.19 20.78 21.17
CA SER E 89 5.56 20.84 22.58
C SER E 89 4.33 21.00 23.47
N VAL E 90 4.30 20.27 24.58
CA VAL E 90 3.18 20.24 25.51
C VAL E 90 3.71 20.41 26.93
N THR E 91 2.98 21.17 27.76
CA THR E 91 3.27 21.29 29.18
C THR E 91 2.09 20.74 29.96
N THR E 92 2.35 19.85 30.92
CA THR E 92 1.30 19.24 31.71
C THR E 92 0.89 20.15 32.86
N GLY E 93 -0.22 19.77 33.50
CA GLY E 93 -0.81 20.60 34.52
C GLY E 93 -0.03 20.60 35.81
N HIS E 94 -0.25 21.65 36.58
CA HIS E 94 0.49 21.91 37.81
C HIS E 94 -0.45 22.28 38.95
N ASN F 7 14.62 -27.52 -42.17
CA ASN F 7 15.40 -26.31 -42.42
C ASN F 7 14.78 -25.08 -41.78
N LEU F 8 13.57 -25.25 -41.23
CA LEU F 8 12.84 -24.14 -40.63
C LEU F 8 12.40 -24.49 -39.22
N ARG F 9 12.61 -23.56 -38.28
CA ARG F 9 12.36 -23.76 -36.87
C ARG F 9 11.46 -22.65 -36.33
N VAL F 10 10.66 -23.00 -35.33
CA VAL F 10 9.81 -22.06 -34.62
C VAL F 10 10.46 -21.81 -33.26
N THR F 11 11.06 -20.63 -33.10
CA THR F 11 11.80 -20.33 -31.86
C THR F 11 10.87 -19.89 -30.73
N ASP F 12 9.98 -18.93 -31.01
CA ASP F 12 9.09 -18.39 -29.99
C ASP F 12 7.70 -18.18 -30.59
N VAL F 13 6.68 -18.44 -29.78
CA VAL F 13 5.28 -18.32 -30.18
C VAL F 13 4.57 -17.49 -29.13
N THR F 14 3.81 -16.49 -29.56
CA THR F 14 3.03 -15.63 -28.66
C THR F 14 1.55 -15.79 -28.97
N SER F 15 0.73 -15.01 -28.27
CA SER F 15 -0.67 -14.90 -28.64
C SER F 15 -0.83 -14.22 -30.00
N THR F 16 0.09 -13.33 -30.39
CA THR F 16 -0.08 -12.52 -31.58
C THR F 16 1.01 -12.65 -32.63
N SER F 17 2.08 -13.42 -32.38
CA SER F 17 3.19 -13.49 -33.32
C SER F 17 3.90 -14.82 -33.17
N VAL F 18 4.75 -15.14 -34.16
CA VAL F 18 5.63 -16.33 -34.11
C VAL F 18 6.93 -16.00 -34.84
N THR F 19 8.05 -16.50 -34.29
CA THR F 19 9.38 -16.29 -34.86
C THR F 19 9.84 -17.53 -35.60
N LEU F 20 10.39 -17.33 -36.81
CA LEU F 20 10.82 -18.40 -37.70
C LEU F 20 12.28 -18.17 -38.09
N SER F 21 13.03 -19.26 -38.29
CA SER F 21 14.40 -19.21 -38.76
C SER F 21 14.60 -20.25 -39.85
N TRP F 22 15.41 -19.92 -40.86
CA TRP F 22 15.60 -20.83 -41.98
C TRP F 22 17.07 -20.86 -42.41
N ARG F 23 17.47 -21.99 -42.99
CA ARG F 23 18.76 -22.09 -43.63
C ARG F 23 18.82 -21.17 -44.85
N GLY F 24 20.02 -20.66 -45.13
CA GLY F 24 20.20 -19.70 -46.20
C GLY F 24 20.41 -20.35 -47.55
N TYR F 25 20.01 -19.63 -48.60
CA TYR F 25 20.10 -20.11 -49.97
C TYR F 25 21.00 -19.20 -50.80
N PRO F 26 21.71 -19.76 -51.78
CA PRO F 26 22.62 -18.92 -52.58
C PRO F 26 21.91 -18.01 -53.56
N TRP F 27 20.62 -18.23 -53.81
CA TRP F 27 19.91 -17.35 -54.73
C TRP F 27 19.55 -16.03 -54.06
N ALA F 28 19.24 -16.07 -52.76
CA ALA F 28 18.83 -14.90 -51.98
C ALA F 28 20.00 -13.95 -51.70
N THR F 29 19.89 -12.63 -51.93
CA THR F 29 18.75 -11.84 -52.46
C THR F 29 17.45 -11.83 -51.65
N GLY F 30 17.55 -12.07 -50.35
CA GLY F 30 16.39 -12.02 -49.47
C GLY F 30 15.41 -13.16 -49.60
N TYR F 31 14.37 -13.09 -48.76
CA TYR F 31 13.41 -14.17 -48.64
C TYR F 31 11.98 -13.63 -48.62
N ARG F 32 11.07 -14.46 -49.13
CA ARG F 32 9.65 -14.16 -49.15
C ARG F 32 8.97 -15.16 -48.23
N VAL F 33 8.33 -14.66 -47.19
CA VAL F 33 7.65 -15.48 -46.19
C VAL F 33 6.17 -15.47 -46.51
N GLU F 34 5.60 -16.66 -46.73
CA GLU F 34 4.18 -16.82 -47.03
C GLU F 34 3.49 -17.48 -45.84
N TYR F 35 2.35 -16.93 -45.43
CA TYR F 35 1.61 -17.50 -44.32
C TYR F 35 0.12 -17.32 -44.52
N ARG F 36 -0.65 -18.22 -43.91
CA ARG F 36 -2.10 -18.13 -43.97
C ARG F 36 -2.68 -18.72 -42.68
N GLU F 37 -3.76 -18.10 -42.22
CA GLU F 37 -4.62 -18.69 -41.21
C GLU F 37 -5.37 -19.87 -41.83
N ALA F 38 -6.07 -20.64 -41.01
CA ALA F 38 -6.94 -21.69 -41.53
C ALA F 38 -8.40 -21.44 -41.19
N GLY F 39 -9.09 -20.60 -41.97
CA GLY F 39 -8.47 -19.80 -43.02
C GLY F 39 -8.38 -20.43 -44.39
N GLY F 40 -7.32 -20.07 -45.12
CA GLY F 40 -7.07 -20.64 -46.43
C GLY F 40 -6.46 -19.68 -47.43
N GLU F 41 -6.35 -18.40 -47.07
CA GLU F 41 -5.90 -17.37 -47.99
C GLU F 41 -4.45 -17.00 -47.68
N TRP F 42 -3.55 -17.31 -48.60
CA TRP F 42 -2.12 -17.02 -48.44
C TRP F 42 -1.84 -15.53 -48.50
N LYS F 43 -0.93 -15.08 -47.63
CA LYS F 43 -0.39 -13.74 -47.69
C LYS F 43 1.12 -13.83 -47.82
N GLU F 44 1.73 -12.77 -48.34
CA GLU F 44 3.14 -12.78 -48.68
C GLU F 44 3.84 -11.62 -48.00
N VAL F 45 4.88 -11.92 -47.23
CA VAL F 45 5.74 -10.93 -46.61
C VAL F 45 7.16 -11.14 -47.12
N THR F 46 7.80 -10.05 -47.52
CA THR F 46 9.15 -10.08 -48.10
C THR F 46 10.13 -9.59 -47.04
N VAL F 47 11.19 -10.36 -46.83
CA VAL F 47 12.21 -10.09 -45.81
C VAL F 47 13.48 -9.65 -46.53
N PRO F 48 14.02 -8.46 -46.23
CA PRO F 48 15.18 -7.96 -46.98
C PRO F 48 16.46 -8.72 -46.68
N GLY F 49 17.00 -9.35 -47.72
CA GLY F 49 18.34 -9.92 -47.70
C GLY F 49 18.63 -10.93 -46.62
N ASP F 50 19.89 -11.35 -46.59
CA ASP F 50 20.48 -12.09 -45.49
C ASP F 50 20.99 -10.99 -44.53
N LEU F 51 21.64 -11.28 -43.40
CA LEU F 51 22.20 -12.56 -42.99
C LEU F 51 21.22 -13.33 -42.13
N SER F 52 20.07 -12.70 -41.89
CA SER F 52 18.92 -13.36 -41.28
C SER F 52 18.00 -13.76 -42.42
N HIS F 53 17.69 -15.04 -42.66
CA HIS F 53 17.83 -16.25 -41.81
C HIS F 53 16.88 -16.26 -40.62
N ARG F 54 16.06 -15.22 -40.50
CA ARG F 54 15.16 -15.11 -39.36
C ARG F 54 14.14 -14.02 -39.63
N TYR F 55 12.90 -14.24 -39.17
CA TYR F 55 11.86 -13.22 -39.29
C TYR F 55 10.74 -13.52 -38.29
N THR F 56 10.12 -12.46 -37.77
CA THR F 56 9.01 -12.54 -36.83
C THR F 56 7.76 -11.93 -37.46
N VAL F 57 6.69 -12.73 -37.55
CA VAL F 57 5.41 -12.28 -38.10
C VAL F 57 4.53 -11.84 -36.93
N THR F 58 4.06 -10.59 -36.96
CA THR F 58 3.26 -10.04 -35.87
C THR F 58 1.79 -9.93 -36.28
N GLY F 59 0.96 -9.59 -35.31
CA GLY F 59 -0.45 -9.31 -35.58
C GLY F 59 -1.34 -10.52 -35.76
N LEU F 60 -1.02 -11.65 -35.15
CA LEU F 60 -1.81 -12.86 -35.34
C LEU F 60 -2.90 -12.97 -34.28
N LYS F 61 -3.93 -13.77 -34.60
CA LYS F 61 -5.00 -13.99 -33.65
C LYS F 61 -4.60 -15.06 -32.65
N PRO F 62 -4.78 -14.84 -31.35
CA PRO F 62 -4.49 -15.89 -30.38
C PRO F 62 -5.36 -17.12 -30.62
N GLY F 63 -4.79 -18.28 -30.36
CA GLY F 63 -5.57 -19.50 -30.45
C GLY F 63 -6.05 -19.90 -31.82
N THR F 64 -5.25 -19.65 -32.86
CA THR F 64 -5.64 -19.90 -34.24
C THR F 64 -4.62 -20.82 -34.90
N GLU F 65 -5.08 -21.76 -35.73
CA GLU F 65 -4.16 -22.62 -36.47
C GLU F 65 -3.65 -21.89 -37.70
N TYR F 66 -2.33 -21.84 -37.86
CA TYR F 66 -1.65 -21.16 -38.96
C TYR F 66 -0.73 -22.12 -39.69
N GLU F 67 -0.47 -21.82 -40.96
CA GLU F 67 0.50 -22.54 -41.78
C GLU F 67 1.53 -21.54 -42.33
N PHE F 68 2.80 -21.92 -42.31
CA PHE F 68 3.88 -21.03 -42.72
C PHE F 68 4.82 -21.73 -43.69
N ARG F 69 5.28 -20.99 -44.71
CA ARG F 69 6.32 -21.47 -45.60
C ARG F 69 7.17 -20.29 -46.06
N VAL F 70 8.47 -20.54 -46.24
CA VAL F 70 9.44 -19.53 -46.67
C VAL F 70 10.13 -20.02 -47.93
N ARG F 71 10.28 -19.12 -48.90
CA ARG F 71 10.95 -19.43 -50.15
C ARG F 71 11.99 -18.37 -50.43
N ALA F 72 13.18 -18.81 -50.86
CA ALA F 72 14.21 -17.86 -51.23
C ALA F 72 13.87 -17.22 -52.57
N VAL F 73 14.23 -15.96 -52.73
CA VAL F 73 13.90 -15.23 -53.94
C VAL F 73 15.16 -14.66 -54.58
N SER F 86 10.99 -26.47 -44.85
CA SER F 86 9.89 -26.59 -45.80
C SER F 86 8.69 -25.79 -45.33
N SER F 87 7.79 -26.44 -44.60
CA SER F 87 6.59 -25.79 -44.08
C SER F 87 6.30 -26.29 -42.68
N VAL F 88 5.83 -25.40 -41.82
CA VAL F 88 5.50 -25.75 -40.44
C VAL F 88 4.12 -25.22 -40.10
N SER F 89 3.45 -25.92 -39.18
CA SER F 89 2.11 -25.57 -38.72
C SER F 89 2.20 -25.02 -37.31
N VAL F 90 1.48 -23.92 -37.06
CA VAL F 90 1.55 -23.20 -35.79
C VAL F 90 0.14 -22.90 -35.30
N THR F 91 -0.06 -23.07 -33.99
CA THR F 91 -1.25 -22.57 -33.31
C THR F 91 -0.76 -21.58 -32.27
N THR F 92 -1.31 -20.38 -32.26
CA THR F 92 -0.82 -19.42 -31.30
C THR F 92 -1.48 -19.66 -29.94
N GLY F 93 -0.86 -19.14 -28.90
CA GLY F 93 -1.41 -19.31 -27.58
C GLY F 93 -2.51 -18.31 -27.31
N HIS F 94 -3.45 -18.71 -26.48
CA HIS F 94 -4.56 -17.84 -26.12
C HIS F 94 -4.87 -18.06 -24.65
N HIS F 95 -5.60 -17.10 -24.09
CA HIS F 95 -6.04 -17.16 -22.70
C HIS F 95 -7.50 -16.72 -22.63
N HIS F 96 -8.06 -16.83 -21.42
CA HIS F 96 -9.42 -16.37 -21.14
C HIS F 96 -9.37 -15.54 -19.86
N HIS F 97 -9.47 -14.21 -19.99
CA HIS F 97 -9.44 -13.34 -18.82
C HIS F 97 -10.48 -13.77 -17.78
N ASN G 7 8.95 2.49 -3.95
CA ASN G 7 9.87 3.33 -4.73
C ASN G 7 9.91 2.90 -6.20
N LEU G 8 11.03 3.16 -6.87
CA LEU G 8 11.13 2.94 -8.31
C LEU G 8 12.35 2.09 -8.67
N ARG G 9 12.13 1.07 -9.52
CA ARG G 9 13.14 0.10 -9.91
C ARG G 9 13.23 0.00 -11.43
N VAL G 10 14.44 -0.29 -11.92
CA VAL G 10 14.74 -0.45 -13.35
C VAL G 10 14.87 -1.93 -13.67
N THR G 11 13.94 -2.47 -14.44
CA THR G 11 13.93 -3.90 -14.73
C THR G 11 14.93 -4.24 -15.84
N ASP G 12 14.86 -3.55 -16.97
CA ASP G 12 15.73 -3.82 -18.11
C ASP G 12 16.10 -2.52 -18.80
N VAL G 13 17.33 -2.44 -19.28
CA VAL G 13 17.83 -1.28 -20.00
C VAL G 13 18.42 -1.75 -21.31
N THR G 14 18.00 -1.14 -22.41
CA THR G 14 18.47 -1.48 -23.74
C THR G 14 19.16 -0.28 -24.36
N SER G 15 19.66 -0.46 -25.58
CA SER G 15 20.27 0.65 -26.31
C SER G 15 19.25 1.74 -26.64
N THR G 16 17.99 1.37 -26.83
CA THR G 16 16.98 2.32 -27.28
C THR G 16 15.78 2.44 -26.33
N SER G 17 15.76 1.72 -25.23
CA SER G 17 14.59 1.74 -24.35
C SER G 17 15.01 1.49 -22.92
N VAL G 18 14.10 1.81 -22.00
CA VAL G 18 14.29 1.56 -20.57
C VAL G 18 12.94 1.17 -19.98
N THR G 19 12.97 0.18 -19.09
CA THR G 19 11.79 -0.29 -18.39
C THR G 19 11.85 0.17 -16.94
N LEU G 20 10.72 0.68 -16.44
CA LEU G 20 10.61 1.18 -15.08
C LEU G 20 9.47 0.48 -14.37
N SER G 21 9.67 0.24 -13.07
CA SER G 21 8.65 -0.31 -12.20
C SER G 21 8.67 0.46 -10.89
N TRP G 22 7.49 0.69 -10.32
CA TRP G 22 7.38 1.44 -9.09
C TRP G 22 6.39 0.72 -8.18
N ARG G 23 6.57 0.89 -6.87
CA ARG G 23 5.67 0.25 -5.93
C ARG G 23 4.24 0.74 -6.12
N GLY G 24 4.08 2.02 -6.39
CA GLY G 24 2.77 2.62 -6.57
C GLY G 24 2.64 3.97 -5.92
N TYR G 25 1.62 4.12 -5.08
CA TYR G 25 0.76 3.01 -4.68
C TYR G 25 -0.68 3.49 -4.60
N PRO G 26 -1.64 2.58 -4.82
CA PRO G 26 -3.04 3.04 -4.77
C PRO G 26 -3.41 3.42 -3.34
N TRP G 27 -4.44 4.25 -3.15
CA TRP G 27 -5.30 4.76 -4.21
C TRP G 27 -4.64 5.85 -5.06
N ALA G 28 -4.55 5.55 -6.36
CA ALA G 28 -4.03 6.48 -7.35
C ALA G 28 -4.55 6.03 -8.71
N THR G 29 -5.13 6.95 -9.46
CA THR G 29 -5.70 6.62 -10.76
C THR G 29 -4.66 6.58 -11.87
N GLY G 30 -3.43 7.00 -11.61
CA GLY G 30 -2.42 6.97 -12.64
C GLY G 30 -1.09 7.49 -12.17
N TYR G 31 -0.12 7.47 -13.10
CA TYR G 31 1.25 7.82 -12.79
C TYR G 31 1.82 8.71 -13.89
N ARG G 32 2.71 9.60 -13.50
CA ARG G 32 3.39 10.49 -14.43
C ARG G 32 4.87 10.17 -14.41
N VAL G 33 5.38 9.69 -15.53
CA VAL G 33 6.79 9.35 -15.68
C VAL G 33 7.46 10.46 -16.48
N GLU G 34 8.53 11.03 -15.92
CA GLU G 34 9.28 12.08 -16.58
C GLU G 34 10.67 11.55 -16.93
N TYR G 35 11.13 11.85 -18.14
CA TYR G 35 12.48 11.44 -18.50
C TYR G 35 13.16 12.59 -19.25
N ARG G 36 14.47 12.69 -19.05
CA ARG G 36 15.27 13.72 -19.67
C ARG G 36 16.70 13.22 -19.79
N GLU G 37 17.40 13.71 -20.81
CA GLU G 37 18.83 13.51 -20.88
C GLU G 37 19.51 14.32 -19.78
N ALA G 38 20.80 14.02 -19.55
CA ALA G 38 21.55 14.74 -18.52
C ALA G 38 21.57 16.22 -18.82
N GLY G 39 21.94 16.59 -20.04
CA GLY G 39 21.73 17.93 -20.57
C GLY G 39 20.75 17.87 -21.74
N GLY G 40 19.77 18.77 -21.70
CA GLY G 40 18.78 18.84 -22.76
C GLY G 40 17.49 18.11 -22.45
N TRP G 42 13.10 18.20 -19.92
CA TRP G 42 12.15 17.31 -19.27
C TRP G 42 10.99 16.97 -20.19
N LYS G 43 10.59 15.71 -20.20
CA LYS G 43 9.40 15.26 -20.91
C LYS G 43 8.44 14.59 -19.94
N GLU G 44 7.19 14.45 -20.38
CA GLU G 44 6.14 13.90 -19.53
C GLU G 44 5.35 12.86 -20.32
N VAL G 45 5.13 11.70 -19.71
CA VAL G 45 4.30 10.63 -20.27
C VAL G 45 3.33 10.16 -19.20
N THR G 46 2.07 9.94 -19.59
CA THR G 46 1.00 9.60 -18.66
C THR G 46 0.65 8.12 -18.75
N VAL G 47 0.75 7.44 -17.60
CA VAL G 47 0.31 6.05 -17.43
C VAL G 47 -0.75 6.01 -16.33
N PRO G 48 -2.00 5.78 -16.67
CA PRO G 48 -3.00 5.71 -15.61
C PRO G 48 -3.20 4.31 -15.04
N GLY G 49 -3.30 4.24 -13.73
CA GLY G 49 -3.33 2.96 -13.05
C GLY G 49 -4.44 1.97 -13.33
N ASP G 50 -4.25 0.73 -12.85
CA ASP G 50 -3.03 0.47 -12.12
C ASP G 50 -2.35 -0.85 -12.44
N LEU G 51 -1.16 -0.73 -13.05
CA LEU G 51 -0.34 -1.91 -13.33
C LEU G 51 -0.01 -2.66 -12.04
N SER G 52 0.25 -1.91 -10.96
CA SER G 52 0.70 -2.41 -9.66
C SER G 52 2.18 -2.84 -9.56
N HIS G 53 3.17 -2.25 -10.26
CA HIS G 53 3.10 -1.11 -11.20
C HIS G 53 4.33 -1.21 -12.14
N ARG G 54 4.24 -0.72 -13.40
CA ARG G 54 5.30 -0.94 -14.39
C ARG G 54 5.08 -0.21 -15.71
N TYR G 55 6.18 0.22 -16.37
CA TYR G 55 6.08 0.83 -17.70
C TYR G 55 7.43 0.80 -18.43
N THR G 56 7.37 0.70 -19.77
CA THR G 56 8.54 0.65 -20.65
C THR G 56 8.58 1.91 -21.52
N VAL G 57 9.66 2.67 -21.42
CA VAL G 57 9.87 3.90 -22.21
C VAL G 57 10.76 3.58 -23.41
N THR G 58 10.27 3.86 -24.63
CA THR G 58 10.98 3.57 -25.86
C THR G 58 11.49 4.88 -26.49
N GLY G 59 12.25 4.73 -27.58
CA GLY G 59 12.72 5.88 -28.33
C GLY G 59 13.94 6.59 -27.79
N LEU G 60 14.81 5.89 -27.05
CA LEU G 60 15.98 6.52 -26.47
C LEU G 60 17.20 6.39 -27.39
N LYS G 61 18.12 7.33 -27.24
CA LYS G 61 19.38 7.32 -28.00
C LYS G 61 20.41 6.48 -27.26
N PRO G 62 21.10 5.56 -27.94
CA PRO G 62 22.15 4.78 -27.29
C PRO G 62 23.27 5.65 -26.73
N GLY G 63 23.85 5.19 -25.62
CA GLY G 63 24.98 5.86 -25.02
C GLY G 63 24.67 7.23 -24.45
N THR G 64 23.45 7.41 -23.94
CA THR G 64 22.98 8.71 -23.48
C THR G 64 22.59 8.61 -22.02
N GLU G 65 22.93 9.63 -21.24
CA GLU G 65 22.55 9.69 -19.83
C GLU G 65 21.13 10.22 -19.70
N TYR G 66 20.26 9.46 -19.02
CA TYR G 66 18.86 9.83 -18.84
C TYR G 66 18.50 9.83 -17.35
N GLU G 67 17.47 10.63 -17.01
CA GLU G 67 16.90 10.65 -15.67
C GLU G 67 15.40 10.40 -15.73
N PHE G 68 14.89 9.60 -14.80
CA PHE G 68 13.49 9.19 -14.78
C PHE G 68 12.92 9.44 -13.38
N ARG G 69 11.67 9.92 -13.33
CA ARG G 69 10.95 10.06 -12.07
C ARG G 69 9.48 9.75 -12.30
N VAL G 70 8.86 9.13 -11.29
CA VAL G 70 7.46 8.73 -11.36
C VAL G 70 6.70 9.38 -10.21
N ARG G 71 5.49 9.86 -10.49
CA ARG G 71 4.63 10.48 -9.49
C ARG G 71 3.27 9.82 -9.57
N ALA G 72 2.69 9.50 -8.42
CA ALA G 72 1.35 8.95 -8.39
C ALA G 72 0.34 10.06 -8.62
N VAL G 73 -0.74 9.72 -9.33
CA VAL G 73 -1.82 10.64 -9.63
C VAL G 73 -3.15 9.95 -9.34
N ASN G 74 -4.09 10.68 -8.74
CA ASN G 74 -5.49 10.26 -8.73
C ASN G 74 -6.28 11.16 -9.69
N ARG G 75 -6.59 12.39 -9.27
CA ARG G 75 -7.13 13.40 -10.17
C ARG G 75 -6.17 14.58 -10.30
N VAL G 76 -5.88 15.26 -9.19
CA VAL G 76 -4.98 16.41 -9.22
C VAL G 76 -3.56 15.98 -9.53
N GLY G 77 -3.07 14.94 -8.86
CA GLY G 77 -1.70 14.54 -9.09
C GLY G 77 -0.96 14.26 -7.81
N ARG G 78 -1.62 13.57 -6.89
CA ARG G 78 -1.05 13.26 -5.61
C ARG G 78 -1.08 11.75 -5.35
N PRO G 85 8.47 11.17 -4.31
CA PRO G 85 9.44 11.67 -5.28
C PRO G 85 10.69 10.80 -5.37
N SER G 86 10.66 9.79 -6.25
CA SER G 86 11.77 8.88 -6.45
C SER G 86 12.24 8.98 -7.90
N SER G 87 13.54 9.23 -8.07
CA SER G 87 14.11 9.37 -9.40
C SER G 87 15.28 8.41 -9.57
N VAL G 88 15.48 7.98 -10.81
CA VAL G 88 16.61 7.11 -11.15
C VAL G 88 17.30 7.69 -12.37
N SER G 89 18.61 7.50 -12.44
CA SER G 89 19.44 7.97 -13.54
C SER G 89 19.90 6.76 -14.34
N VAL G 90 19.82 6.85 -15.65
CA VAL G 90 20.11 5.73 -16.54
C VAL G 90 21.04 6.17 -17.66
N THR G 91 22.00 5.32 -18.00
CA THR G 91 22.83 5.47 -19.19
C THR G 91 22.55 4.29 -20.10
N THR G 92 22.21 4.57 -21.35
CA THR G 92 21.88 3.47 -22.24
C THR G 92 23.15 2.87 -22.82
N GLY G 93 23.03 1.65 -23.32
CA GLY G 93 24.15 0.97 -23.93
C GLY G 93 24.32 1.42 -25.37
N HIS G 94 25.57 1.39 -25.82
CA HIS G 94 25.92 1.80 -27.17
C HIS G 94 26.91 0.78 -27.69
N HIS G 95 27.24 0.89 -28.97
CA HIS G 95 28.17 -0.06 -29.53
C HIS G 95 28.67 0.42 -30.88
N HIS G 96 29.75 -0.21 -31.33
CA HIS G 96 30.34 -0.01 -32.65
C HIS G 96 30.83 -1.41 -33.08
N HIS G 97 30.33 -2.00 -34.18
CA HIS G 97 29.59 -1.35 -35.27
C HIS G 97 28.34 -2.12 -35.75
N HIS G 98 27.18 -1.71 -35.25
CA HIS G 98 25.82 -2.16 -35.64
C HIS G 98 25.64 -3.58 -36.20
N ASN H 7 -10.64 18.06 52.92
CA ASN H 7 -9.91 19.19 52.35
C ASN H 7 -10.38 19.52 50.94
N LEU H 8 -9.44 19.78 50.04
CA LEU H 8 -9.73 20.12 48.66
C LEU H 8 -9.10 19.09 47.74
N ARG H 9 -9.76 18.80 46.61
CA ARG H 9 -9.31 17.79 45.67
C ARG H 9 -9.59 18.24 44.25
N VAL H 10 -8.60 18.10 43.37
CA VAL H 10 -8.72 18.43 41.96
C VAL H 10 -8.35 17.20 41.14
N THR H 11 -9.23 16.82 40.20
CA THR H 11 -9.12 15.56 39.50
C THR H 11 -8.65 15.72 38.05
N ASP H 12 -9.38 16.49 37.24
CA ASP H 12 -9.10 16.59 35.81
C ASP H 12 -8.66 18.01 35.48
N VAL H 13 -7.36 18.20 35.23
CA VAL H 13 -6.81 19.48 34.82
C VAL H 13 -6.41 19.33 33.36
N THR H 14 -7.10 20.06 32.49
CA THR H 14 -6.87 20.08 31.06
C THR H 14 -6.22 21.40 30.69
N SER H 15 -6.18 21.67 29.39
CA SER H 15 -5.91 23.00 28.91
C SER H 15 -7.13 23.91 29.02
N THR H 16 -8.33 23.32 28.97
CA THR H 16 -9.58 24.06 28.92
C THR H 16 -10.36 24.02 30.22
N SER H 17 -10.06 23.10 31.13
CA SER H 17 -10.91 22.88 32.30
C SER H 17 -10.07 22.55 33.53
N VAL H 18 -10.76 22.57 34.68
CA VAL H 18 -10.28 22.07 35.98
C VAL H 18 -11.51 21.65 36.78
N THR H 19 -11.42 20.50 37.45
CA THR H 19 -12.52 19.96 38.25
C THR H 19 -12.15 20.00 39.73
N LEU H 20 -13.15 20.27 40.57
CA LEU H 20 -12.98 20.39 42.01
C LEU H 20 -13.99 19.50 42.73
N SER H 21 -13.61 19.07 43.93
CA SER H 21 -14.45 18.25 44.79
C SER H 21 -14.31 18.74 46.22
N TRP H 22 -15.45 19.01 46.87
CA TRP H 22 -15.47 19.51 48.23
C TRP H 22 -16.07 18.48 49.18
N ARG H 23 -15.63 18.55 50.45
CA ARG H 23 -16.10 17.63 51.48
C ARG H 23 -17.62 17.63 51.63
N TYR H 31 -24.22 25.23 46.27
CA TYR H 31 -22.77 25.40 46.30
C TYR H 31 -22.29 26.40 45.26
N ARG H 32 -21.47 27.35 45.71
CA ARG H 32 -20.94 28.36 44.82
C ARG H 32 -19.42 28.28 44.73
N TYR H 35 -13.20 31.50 41.12
CA TYR H 35 -11.85 31.33 40.60
C TYR H 35 -11.29 32.65 40.07
N ARG H 36 -9.98 32.83 40.25
CA ARG H 36 -9.29 34.05 39.87
C ARG H 36 -8.00 33.68 39.15
N GLU H 37 -7.73 34.36 38.05
CA GLU H 37 -6.48 34.18 37.32
C GLU H 37 -5.29 34.65 38.16
N VAL H 45 -19.83 30.78 39.95
CA VAL H 45 -20.98 29.99 39.56
C VAL H 45 -21.63 29.38 40.80
N THR H 46 -22.77 28.71 40.61
CA THR H 46 -23.56 28.20 41.73
C THR H 46 -24.13 26.84 41.36
N VAL H 47 -23.84 25.84 42.17
CA VAL H 47 -24.34 24.49 41.98
C VAL H 47 -25.25 24.15 43.16
N PRO H 48 -26.57 24.25 42.98
CA PRO H 48 -27.51 24.09 44.11
C PRO H 48 -27.64 22.66 44.60
N GLY H 49 -26.51 22.03 44.94
CA GLY H 49 -26.50 20.68 45.45
C GLY H 49 -27.17 19.68 44.52
N ASP H 50 -27.94 18.77 45.09
CA ASP H 50 -28.07 18.64 46.54
C ASP H 50 -26.98 17.73 47.07
N LEU H 51 -26.68 16.68 46.31
CA LEU H 51 -25.58 15.78 46.59
C LEU H 51 -24.40 16.00 45.64
N SER H 52 -24.47 17.00 44.78
CA SER H 52 -23.39 17.30 43.85
C SER H 52 -22.12 17.66 44.60
N HIS H 53 -21.35 16.66 45.02
CA HIS H 53 -20.07 16.89 45.68
C HIS H 53 -19.07 17.60 44.79
N ARG H 54 -19.30 17.68 43.49
CA ARG H 54 -18.30 18.20 42.58
C ARG H 54 -18.96 18.94 41.42
N TYR H 55 -18.18 19.82 40.79
CA TYR H 55 -18.57 20.53 39.57
C TYR H 55 -17.30 20.89 38.82
N THR H 56 -17.44 21.08 37.51
CA THR H 56 -16.29 21.27 36.62
C THR H 56 -16.39 22.59 35.89
N VAL H 57 -15.35 23.43 36.03
CA VAL H 57 -15.25 24.66 35.26
C VAL H 57 -14.87 24.33 33.82
N THR H 58 -15.38 25.12 32.87
CA THR H 58 -15.19 24.83 31.45
C THR H 58 -14.71 26.06 30.70
N GLY H 59 -13.83 25.81 29.72
CA GLY H 59 -13.51 26.80 28.70
C GLY H 59 -12.55 27.89 29.11
N LEU H 60 -11.58 27.59 29.97
CA LEU H 60 -10.66 28.61 30.45
C LEU H 60 -9.39 28.65 29.61
N LYS H 61 -8.51 29.60 29.95
CA LYS H 61 -7.33 29.90 29.14
C LYS H 61 -6.21 28.93 29.44
N PRO H 62 -5.70 28.19 28.46
CA PRO H 62 -4.54 27.33 28.70
C PRO H 62 -3.33 28.11 29.21
N GLY H 63 -2.55 27.45 30.07
CA GLY H 63 -1.27 27.97 30.52
C GLY H 63 -1.33 29.05 31.58
N THR H 64 -2.39 29.10 32.37
CA THR H 64 -2.63 30.20 33.29
C THR H 64 -2.59 29.73 34.73
N GLU H 65 -1.97 30.55 35.58
CA GLU H 65 -2.06 30.34 37.00
C GLU H 65 -3.42 30.78 37.52
N TYR H 66 -3.85 30.14 38.59
CA TYR H 66 -5.20 30.32 39.10
C TYR H 66 -5.23 30.17 40.60
N GLU H 67 -6.35 30.58 41.19
CA GLU H 67 -6.69 30.30 42.59
C GLU H 67 -8.15 29.89 42.66
N PHE H 68 -8.43 28.77 43.32
CA PHE H 68 -9.78 28.24 43.46
C PHE H 68 -10.15 28.15 44.93
N ARG H 69 -11.33 28.64 45.31
CA ARG H 69 -11.82 28.45 46.66
C ARG H 69 -13.30 28.13 46.63
N VAL H 70 -13.72 27.27 47.56
CA VAL H 70 -15.08 26.75 47.59
C VAL H 70 -15.63 26.89 49.00
N ARG H 71 -16.86 27.41 49.11
CA ARG H 71 -17.64 27.35 50.33
C ARG H 71 -19.08 27.14 49.95
N PRO H 85 -12.02 29.67 53.34
CA PRO H 85 -11.27 28.42 53.28
C PRO H 85 -11.94 27.37 52.40
N SER H 86 -11.15 26.51 51.75
CA SER H 86 -9.70 26.67 51.64
C SER H 86 -9.40 26.68 50.15
N SER H 87 -8.19 27.07 49.74
CA SER H 87 -7.96 27.37 48.33
C SER H 87 -6.86 26.49 47.75
N VAL H 88 -6.97 26.22 46.45
CA VAL H 88 -5.97 25.49 45.68
C VAL H 88 -5.48 26.37 44.55
N SER H 89 -4.20 26.19 44.18
CA SER H 89 -3.59 26.91 43.08
C SER H 89 -3.38 25.97 41.90
N VAL H 90 -3.65 26.47 40.69
CA VAL H 90 -3.72 25.63 39.50
C VAL H 90 -3.01 26.32 38.34
N THR H 91 -2.33 25.52 37.53
CA THR H 91 -1.73 25.96 36.26
C THR H 91 -2.24 25.04 35.16
N THR H 92 -2.78 25.61 34.09
CA THR H 92 -3.17 24.83 32.92
C THR H 92 -1.94 24.58 32.04
N GLY H 93 -2.16 23.99 30.86
CA GLY H 93 -1.05 23.54 30.04
C GLY H 93 -1.01 23.99 28.60
N HIS H 94 0.03 24.73 28.22
CA HIS H 94 0.29 25.12 26.83
C HIS H 94 1.31 24.16 26.20
N HIS H 95 1.26 23.92 24.89
CA HIS H 95 0.23 24.39 23.98
C HIS H 95 -0.44 23.20 23.27
N HIS H 96 -1.36 23.47 22.36
CA HIS H 96 -2.08 22.39 21.68
C HIS H 96 -2.62 22.89 20.36
N HIS H 97 -2.57 22.04 19.34
CA HIS H 97 -3.20 22.31 18.05
C HIS H 97 -2.89 23.70 17.49
N HIS H 98 -1.73 23.87 16.86
CA HIS H 98 -0.66 22.88 16.80
C HIS H 98 0.60 23.71 16.79
N HIS H 99 1.77 23.11 16.57
CA HIS H 99 2.99 23.92 16.42
C HIS H 99 4.21 23.09 16.01
ZN ZN I . 33.67 3.11 -26.78
ZN ZN J . -29.71 -5.87 17.44
ZN ZN K . -10.38 -26.33 -23.06
ZN ZN L . 22.93 -20.30 -42.59
ZN ZN M . 26.61 9.14 -13.95
ZN ZN N . -34.68 -2.03 31.34
ZN ZN O . 2.95 28.69 40.68
#